data_3EEZ
#
_entry.id   3EEZ
#
_cell.length_a   110.626
_cell.length_b   110.626
_cell.length_c   120.272
_cell.angle_alpha   90.000
_cell.angle_beta   90.000
_cell.angle_gamma   90.000
#
_symmetry.space_group_name_H-M   'P 4 2 2'
#
loop_
_entity.id
_entity.type
_entity.pdbx_description
1 polymer 'putative Mandelate racemase/muconate lactonizing enzyme'
2 water water
#
_entity_poly.entity_id   1
_entity_poly.type   'polypeptide(L)'
_entity_poly.pdbx_seq_one_letter_code
;MSLKITRITVYQVDLPLEHPYWLSGGRLKFELLDATLVKLETDAGITGWGEGTPWGHTYVPAHGPGIRAGIETMAPFVLG
LDPRRLLDVERAMDIALPGHLYAKSPIDMACWDIAGQAAGLPIADLMGGGSRTPRPIASSVGAKSVEETRAVIDRYRQRG
YVAHSVKIGGDVERDIARIRDVEDIREPGEIVLYDVNRGWTRQQALRVMRATEDLHVMFEQPGETLDDIAAIRPLHSAPV
SVDECLVTLQDAARVARDGLAEVFGIKLNRVGGLTRAARMRDIALTHGIDMFVMATGGSVLADAEALHLAATIPDHACHA
VWACQDMLTVDIAGGRGPRNIDGHLHLPETPGLGVHPDEDALGDPVAVYSEGHHHHHH
;
_entity_poly.pdbx_strand_id   A
#
# COMPACT_ATOMS: atom_id res chain seq x y z
N LEU A 3 -7.60 -29.00 7.48
CA LEU A 3 -6.42 -28.16 7.03
C LEU A 3 -5.73 -27.40 8.15
N LYS A 4 -4.41 -27.30 8.07
CA LYS A 4 -3.61 -26.63 9.11
C LYS A 4 -2.22 -26.16 8.64
N ILE A 5 -1.67 -25.18 9.35
CA ILE A 5 -0.38 -24.59 9.04
C ILE A 5 0.70 -25.42 9.70
N THR A 6 1.72 -25.72 8.91
CA THR A 6 2.71 -26.74 9.22
C THR A 6 4.12 -26.16 9.41
N ARG A 7 4.44 -25.09 8.67
CA ARG A 7 5.74 -24.43 8.70
C ARG A 7 5.69 -23.01 8.13
N ILE A 8 6.26 -22.06 8.88
CA ILE A 8 6.49 -20.71 8.39
C ILE A 8 7.98 -20.58 8.11
N THR A 9 8.29 -20.10 6.91
CA THR A 9 9.68 -19.89 6.48
C THR A 9 9.86 -18.44 6.05
N VAL A 10 10.94 -17.82 6.50
CA VAL A 10 11.12 -16.38 6.38
C VAL A 10 12.32 -16.08 5.52
N TYR A 11 12.16 -15.13 4.62
CA TYR A 11 13.19 -14.77 3.66
C TYR A 11 13.46 -13.28 3.76
N GLN A 12 14.62 -12.86 3.26
CA GLN A 12 15.08 -11.48 3.29
C GLN A 12 15.71 -11.10 1.94
N VAL A 13 15.24 -10.05 1.31
CA VAL A 13 15.73 -9.71 0.01
C VAL A 13 15.94 -8.23 -0.14
N ASP A 14 17.09 -7.85 -0.69
CA ASP A 14 17.39 -6.47 -1.05
C ASP A 14 16.92 -6.24 -2.45
N LEU A 15 15.90 -5.40 -2.59
CA LEU A 15 15.40 -4.99 -3.89
C LEU A 15 15.94 -3.59 -4.15
N PRO A 16 16.94 -3.49 -5.05
CA PRO A 16 17.53 -2.21 -5.40
C PRO A 16 16.58 -1.38 -6.26
N LEU A 17 16.73 -0.05 -6.20
CA LEU A 17 15.89 0.88 -6.95
C LEU A 17 16.48 1.28 -8.31
N GLU A 18 15.64 1.38 -9.32
CA GLU A 18 16.04 1.84 -10.66
C GLU A 18 16.61 3.26 -10.57
N HIS A 19 15.92 4.12 -9.83
CA HIS A 19 16.41 5.47 -9.61
C HIS A 19 16.55 5.78 -8.11
N PRO A 20 17.78 5.60 -7.56
CA PRO A 20 18.15 5.97 -6.19
C PRO A 20 17.93 7.45 -5.91
N TYR A 21 17.98 7.86 -4.65
CA TYR A 21 17.82 9.28 -4.32
C TYR A 21 18.54 9.76 -3.05
N TRP A 22 18.26 11.00 -2.65
CA TRP A 22 18.84 11.60 -1.43
C TRP A 22 17.75 12.12 -0.49
N LYS A 29 20.30 8.71 2.58
CA LYS A 29 20.77 8.15 1.30
C LYS A 29 20.02 6.87 0.90
N PHE A 30 18.90 7.03 0.18
CA PHE A 30 17.99 5.93 -0.19
C PHE A 30 18.36 5.24 -1.51
N GLU A 31 18.44 3.91 -1.46
CA GLU A 31 19.10 3.14 -2.49
C GLU A 31 18.50 1.73 -2.69
N LEU A 32 17.93 1.13 -1.65
CA LEU A 32 17.33 -0.23 -1.74
C LEU A 32 16.33 -0.57 -0.63
N LEU A 33 15.33 -1.39 -0.94
CA LEU A 33 14.33 -1.78 0.08
C LEU A 33 14.63 -3.09 0.78
N ASP A 34 14.75 -3.04 2.10
CA ASP A 34 14.81 -4.24 2.90
C ASP A 34 13.45 -4.93 2.95
N ALA A 35 13.33 -6.09 2.30
CA ALA A 35 12.03 -6.75 2.07
C ALA A 35 11.96 -8.13 2.72
N THR A 36 10.85 -8.41 3.38
CA THR A 36 10.70 -9.67 4.10
C THR A 36 9.62 -10.49 3.42
N LEU A 37 9.95 -11.73 3.04
CA LEU A 37 8.98 -12.58 2.42
C LEU A 37 8.69 -13.75 3.35
N VAL A 38 7.44 -14.16 3.40
CA VAL A 38 7.04 -15.28 4.25
C VAL A 38 6.34 -16.34 3.39
N LYS A 39 6.53 -17.61 3.75
CA LYS A 39 5.99 -18.73 3.00
C LYS A 39 5.45 -19.72 4.03
N LEU A 40 4.12 -19.88 4.08
CA LEU A 40 3.51 -20.84 5.01
C LEU A 40 3.16 -22.12 4.28
N GLU A 41 3.32 -23.23 4.99
CA GLU A 41 3.06 -24.52 4.41
C GLU A 41 2.01 -25.23 5.25
N THR A 42 1.20 -26.04 4.58
CA THR A 42 0.03 -26.69 5.14
C THR A 42 0.19 -28.20 4.96
N ASP A 43 -0.51 -28.98 5.78
CA ASP A 43 -0.41 -30.45 5.71
C ASP A 43 -1.03 -30.99 4.40
N ALA A 44 -1.96 -30.24 3.83
CA ALA A 44 -2.49 -30.52 2.50
C ALA A 44 -1.47 -30.19 1.41
N GLY A 45 -0.36 -29.56 1.76
CA GLY A 45 0.61 -29.22 0.74
C GLY A 45 0.17 -28.06 -0.15
N ILE A 46 -0.81 -27.27 0.31
CA ILE A 46 -1.19 -26.00 -0.31
C ILE A 46 -0.35 -24.87 0.31
N THR A 47 0.47 -24.21 -0.53
CA THR A 47 1.43 -23.20 -0.05
C THR A 47 1.01 -21.75 -0.42
N GLY A 48 1.27 -20.82 0.51
CA GLY A 48 0.95 -19.41 0.30
C GLY A 48 2.14 -18.56 0.67
N TRP A 49 2.20 -17.37 0.07
CA TRP A 49 3.27 -16.41 0.29
C TRP A 49 2.75 -15.07 0.82
N GLY A 50 3.56 -14.39 1.62
CA GLY A 50 3.28 -13.01 1.99
C GLY A 50 4.55 -12.19 1.96
N GLU A 51 4.42 -10.90 1.72
CA GLU A 51 5.58 -9.99 1.67
C GLU A 51 5.32 -8.75 2.58
N GLY A 52 6.39 -8.29 3.22
CA GLY A 52 6.29 -7.10 4.04
C GLY A 52 7.45 -6.23 3.65
N THR A 53 7.17 -5.08 3.05
CA THR A 53 8.25 -4.22 2.60
C THR A 53 8.01 -2.73 2.87
N PRO A 54 8.29 -2.29 4.10
CA PRO A 54 8.24 -0.85 4.35
C PRO A 54 9.08 -0.12 3.30
N TRP A 55 8.61 1.03 2.86
CA TRP A 55 9.42 1.96 2.08
C TRP A 55 10.44 2.63 3.02
N GLY A 56 11.48 1.87 3.37
CA GLY A 56 12.50 2.35 4.29
C GLY A 56 12.15 2.06 5.73
N HIS A 57 12.85 2.74 6.63
CA HIS A 57 12.56 2.60 8.06
C HIS A 57 12.37 3.96 8.74
N THR A 58 12.11 4.97 7.89
CA THR A 58 11.99 6.36 8.30
C THR A 58 10.58 6.90 8.00
N TYR A 59 9.89 6.28 7.05
CA TYR A 59 8.64 6.85 6.55
C TYR A 59 7.50 6.61 7.51
N VAL A 60 7.56 5.50 8.24
CA VAL A 60 6.43 5.06 9.03
C VAL A 60 6.96 4.09 10.12
N PRO A 61 6.24 3.96 11.27
CA PRO A 61 6.69 2.96 12.26
C PRO A 61 6.63 1.53 11.75
N ALA A 62 7.61 1.16 10.94
CA ALA A 62 7.79 -0.22 10.46
C ALA A 62 9.20 -0.33 9.93
N HIS A 63 9.84 -1.48 10.14
CA HIS A 63 11.17 -1.75 9.59
C HIS A 63 11.41 -3.23 9.36
N GLY A 64 12.19 -3.53 8.31
CA GLY A 64 12.61 -4.90 8.01
C GLY A 64 12.87 -5.75 9.25
N PRO A 65 13.91 -5.40 10.04
CA PRO A 65 14.26 -6.24 11.19
C PRO A 65 13.09 -6.46 12.16
N GLY A 66 12.13 -5.55 12.14
CA GLY A 66 11.06 -5.50 13.11
C GLY A 66 9.93 -6.44 12.79
N ILE A 67 9.79 -6.76 11.52
CA ILE A 67 8.82 -7.74 11.04
C ILE A 67 9.41 -9.11 11.27
N ARG A 68 10.64 -9.28 10.76
CA ARG A 68 11.35 -10.52 10.91
C ARG A 68 11.36 -10.82 12.38
N ALA A 69 11.49 -9.77 13.19
CA ALA A 69 11.42 -9.90 14.67
C ALA A 69 10.04 -10.32 15.16
N GLY A 70 9.00 -9.59 14.75
CA GLY A 70 7.60 -9.91 15.03
C GLY A 70 7.23 -11.38 14.87
N ILE A 71 7.52 -11.92 13.68
CA ILE A 71 7.27 -13.35 13.36
C ILE A 71 7.91 -14.30 14.37
N GLU A 72 9.18 -14.06 14.73
CA GLU A 72 9.81 -14.89 15.72
C GLU A 72 8.88 -15.06 16.93
N THR A 73 8.52 -13.95 17.57
CA THR A 73 7.59 -14.00 18.70
C THR A 73 6.21 -14.56 18.34
N MET A 74 5.73 -14.22 17.16
CA MET A 74 4.37 -14.52 16.77
C MET A 74 4.20 -15.93 16.22
N ALA A 75 5.28 -16.49 15.66
CA ALA A 75 5.28 -17.80 14.98
C ALA A 75 4.66 -18.97 15.70
N PRO A 76 5.12 -19.30 16.92
CA PRO A 76 4.60 -20.46 17.61
C PRO A 76 3.09 -20.50 17.72
N PHE A 77 2.44 -19.33 17.86
CA PHE A 77 0.96 -19.24 17.99
C PHE A 77 0.15 -19.31 16.67
N VAL A 78 0.84 -19.16 15.53
CA VAL A 78 0.25 -19.18 14.17
C VAL A 78 0.36 -20.55 13.49
N LEU A 79 1.50 -21.24 13.72
CA LEU A 79 1.64 -22.67 13.42
C LEU A 79 0.44 -23.43 13.98
N GLY A 80 0.09 -24.55 13.37
CA GLY A 80 -1.04 -25.31 13.85
C GLY A 80 -2.45 -24.90 13.42
N LEU A 81 -2.71 -23.60 13.25
CA LEU A 81 -4.06 -23.11 12.93
C LEU A 81 -4.56 -23.46 11.55
N ASP A 82 -5.86 -23.29 11.29
CA ASP A 82 -6.38 -23.42 9.93
C ASP A 82 -6.28 -22.09 9.17
N PRO A 83 -5.39 -22.05 8.16
CA PRO A 83 -5.09 -20.87 7.34
C PRO A 83 -6.31 -20.24 6.74
N ARG A 84 -7.34 -21.03 6.45
CA ARG A 84 -8.61 -20.54 5.92
C ARG A 84 -9.55 -19.92 6.96
N ARG A 85 -9.06 -19.65 8.16
CA ARG A 85 -9.87 -19.09 9.24
C ARG A 85 -9.27 -17.80 9.78
N LEU A 86 -9.34 -16.76 8.94
CA LEU A 86 -8.60 -15.52 9.15
C LEU A 86 -8.95 -14.73 10.42
N LEU A 87 -10.14 -14.93 10.95
CA LEU A 87 -10.44 -14.31 12.24
C LEU A 87 -9.75 -15.03 13.41
N ASP A 88 -9.50 -16.33 13.26
CA ASP A 88 -8.73 -17.14 14.21
C ASP A 88 -7.23 -16.87 14.12
N VAL A 89 -6.68 -16.88 12.90
CA VAL A 89 -5.28 -16.43 12.68
C VAL A 89 -5.05 -15.05 13.30
N GLU A 90 -5.94 -14.12 12.94
CA GLU A 90 -5.84 -12.75 13.41
C GLU A 90 -5.89 -12.65 14.94
N ARG A 91 -6.85 -13.32 15.56
CA ARG A 91 -7.02 -13.23 17.01
C ARG A 91 -5.85 -13.88 17.77
N ALA A 92 -5.28 -14.94 17.18
CA ALA A 92 -4.03 -15.55 17.66
C ALA A 92 -2.83 -14.61 17.54
N MET A 93 -2.67 -13.92 16.40
CA MET A 93 -1.57 -12.95 16.25
C MET A 93 -1.76 -11.79 17.24
N ASP A 94 -3.00 -11.30 17.35
CA ASP A 94 -3.27 -10.14 18.20
C ASP A 94 -2.96 -10.43 19.66
N ILE A 95 -3.55 -11.52 20.20
CA ILE A 95 -3.21 -12.05 21.55
C ILE A 95 -1.69 -12.26 21.73
N ALA A 96 -1.07 -12.94 20.76
CA ALA A 96 0.35 -13.21 20.75
C ALA A 96 1.20 -11.95 20.85
N LEU A 97 0.81 -10.89 20.15
CA LEU A 97 1.61 -9.64 20.09
C LEU A 97 0.77 -8.45 19.63
N PRO A 98 0.22 -7.69 20.58
CA PRO A 98 -0.61 -6.52 20.20
C PRO A 98 0.12 -5.53 19.31
N GLY A 99 -0.64 -4.72 18.56
CA GLY A 99 -0.06 -3.75 17.64
C GLY A 99 0.74 -4.42 16.55
N HIS A 100 1.87 -3.81 16.21
CA HIS A 100 2.78 -4.36 15.19
C HIS A 100 2.09 -4.92 13.91
N LEU A 101 1.26 -4.09 13.28
CA LEU A 101 0.45 -4.56 12.17
C LEU A 101 1.32 -4.76 10.92
N TYR A 102 2.45 -4.08 10.85
CA TYR A 102 3.31 -4.20 9.69
C TYR A 102 4.01 -5.56 9.68
N ALA A 103 3.99 -6.20 10.84
CA ALA A 103 4.57 -7.51 11.04
C ALA A 103 3.53 -8.60 10.82
N LYS A 104 2.24 -8.25 10.89
CA LYS A 104 1.15 -9.23 10.83
C LYS A 104 0.63 -9.37 9.42
N SER A 105 0.93 -8.36 8.60
CA SER A 105 0.47 -8.26 7.21
C SER A 105 0.94 -9.40 6.31
N PRO A 106 2.28 -9.66 6.22
CA PRO A 106 2.69 -10.76 5.35
C PRO A 106 2.09 -12.11 5.73
N ILE A 107 1.97 -12.42 7.02
CA ILE A 107 1.33 -13.69 7.41
C ILE A 107 -0.10 -13.75 6.90
N ASP A 108 -0.84 -12.66 7.11
CA ASP A 108 -2.23 -12.55 6.68
C ASP A 108 -2.35 -12.69 5.15
N MET A 109 -1.44 -12.06 4.42
CA MET A 109 -1.30 -12.22 2.96
C MET A 109 -1.22 -13.69 2.54
N ALA A 110 -0.09 -14.33 2.84
CA ALA A 110 0.01 -15.80 2.78
C ALA A 110 -1.26 -16.57 3.14
N CYS A 111 -1.79 -16.38 4.36
CA CYS A 111 -2.99 -17.12 4.78
C CYS A 111 -4.18 -16.99 3.84
N TRP A 112 -4.42 -15.78 3.37
CA TRP A 112 -5.48 -15.52 2.41
C TRP A 112 -5.21 -16.37 1.18
N ASP A 113 -4.00 -16.24 0.66
CA ASP A 113 -3.55 -16.94 -0.55
C ASP A 113 -3.85 -18.45 -0.50
N ILE A 114 -3.55 -19.09 0.62
CA ILE A 114 -3.86 -20.51 0.80
C ILE A 114 -5.37 -20.76 0.68
N ALA A 115 -6.16 -20.04 1.49
CA ALA A 115 -7.62 -20.11 1.48
C ALA A 115 -8.21 -19.79 0.11
N GLY A 116 -7.50 -18.93 -0.64
CA GLY A 116 -7.91 -18.51 -1.97
C GLY A 116 -7.90 -19.74 -2.84
N GLN A 117 -6.71 -20.30 -3.01
CA GLN A 117 -6.53 -21.54 -3.78
C GLN A 117 -7.42 -22.69 -3.30
N ALA A 118 -7.51 -22.87 -1.97
CA ALA A 118 -8.33 -23.95 -1.39
C ALA A 118 -9.80 -23.82 -1.76
N ALA A 119 -10.27 -22.57 -1.87
CA ALA A 119 -11.59 -22.29 -2.40
C ALA A 119 -11.59 -22.20 -3.93
N GLY A 120 -10.42 -22.37 -4.55
CA GLY A 120 -10.29 -22.20 -6.01
C GLY A 120 -10.83 -20.87 -6.52
N LEU A 121 -10.32 -19.78 -5.94
CA LEU A 121 -10.79 -18.40 -6.18
C LEU A 121 -9.62 -17.39 -6.07
N PRO A 122 -9.58 -16.36 -6.94
CA PRO A 122 -8.49 -15.38 -6.76
C PRO A 122 -8.79 -14.58 -5.50
N ILE A 123 -7.78 -14.10 -4.77
CA ILE A 123 -8.05 -13.33 -3.54
C ILE A 123 -9.28 -12.43 -3.70
N ALA A 124 -9.25 -11.54 -4.68
CA ALA A 124 -10.27 -10.49 -4.79
C ALA A 124 -11.67 -11.09 -4.79
N ASP A 125 -11.82 -12.26 -5.42
CA ASP A 125 -13.11 -12.91 -5.51
C ASP A 125 -13.56 -13.54 -4.20
N LEU A 126 -12.62 -14.13 -3.47
CA LEU A 126 -12.91 -14.83 -2.22
C LEU A 126 -13.27 -13.81 -1.14
N MET A 127 -12.76 -12.58 -1.30
CA MET A 127 -12.99 -11.52 -0.33
C MET A 127 -14.33 -10.89 -0.61
N GLY A 128 -15.06 -11.45 -1.56
CA GLY A 128 -16.39 -10.95 -1.87
C GLY A 128 -16.66 -10.65 -3.33
N GLY A 129 -15.63 -10.66 -4.17
CA GLY A 129 -15.78 -10.46 -5.62
C GLY A 129 -15.09 -9.22 -6.10
N GLY A 130 -14.20 -9.35 -7.08
CA GLY A 130 -13.42 -8.20 -7.53
C GLY A 130 -13.62 -7.76 -8.97
N SER A 131 -13.41 -6.47 -9.21
CA SER A 131 -13.58 -5.86 -10.53
C SER A 131 -12.42 -6.10 -11.51
N ARG A 132 -12.77 -6.27 -12.79
CA ARG A 132 -11.80 -6.54 -13.87
C ARG A 132 -11.44 -5.27 -14.62
N THR A 133 -12.03 -4.16 -14.22
CA THR A 133 -11.69 -2.90 -14.82
C THR A 133 -10.20 -2.66 -14.58
N PRO A 134 -9.43 -2.43 -15.67
CA PRO A 134 -8.02 -2.08 -15.48
C PRO A 134 -7.91 -0.86 -14.56
N ARG A 135 -7.03 -0.96 -13.56
CA ARG A 135 -6.86 0.03 -12.50
C ARG A 135 -5.66 0.93 -12.86
N PRO A 136 -5.82 2.27 -12.78
CA PRO A 136 -4.68 3.16 -13.09
C PRO A 136 -3.54 3.04 -12.09
N ILE A 137 -2.31 3.32 -12.52
CA ILE A 137 -1.15 3.28 -11.63
C ILE A 137 -0.66 4.67 -11.29
N ALA A 138 -0.45 4.91 -9.99
CA ALA A 138 0.14 6.17 -9.54
C ALA A 138 1.64 6.17 -9.89
N SER A 139 2.08 7.16 -10.66
CA SER A 139 3.51 7.36 -10.90
C SER A 139 4.18 7.89 -9.62
N SER A 140 5.43 8.31 -9.72
CA SER A 140 6.12 8.93 -8.58
C SER A 140 6.96 10.08 -9.10
N VAL A 141 6.82 11.26 -8.49
CA VAL A 141 7.52 12.46 -8.94
C VAL A 141 8.29 13.16 -7.80
N GLY A 142 9.60 12.91 -7.70
CA GLY A 142 10.44 13.48 -6.64
C GLY A 142 10.69 14.96 -6.84
N ALA A 143 11.16 15.64 -5.80
CA ALA A 143 11.53 17.07 -5.89
C ALA A 143 12.46 17.37 -7.07
N LYS A 144 12.24 18.53 -7.69
CA LYS A 144 12.90 18.93 -8.93
C LYS A 144 12.38 20.31 -9.35
N SER A 145 13.18 21.05 -10.10
CA SER A 145 12.75 22.39 -10.57
C SER A 145 11.50 22.27 -11.45
N VAL A 146 10.70 23.34 -11.50
CA VAL A 146 9.52 23.41 -12.36
C VAL A 146 9.82 22.86 -13.75
N GLU A 147 11.08 22.98 -14.16
CA GLU A 147 11.55 22.48 -15.46
C GLU A 147 11.74 20.95 -15.49
N GLU A 148 12.53 20.43 -14.54
CA GLU A 148 12.79 18.98 -14.45
C GLU A 148 11.53 18.23 -14.08
N THR A 149 10.58 18.95 -13.47
CA THR A 149 9.26 18.44 -13.11
C THR A 149 8.48 18.01 -14.36
N ARG A 150 8.05 18.98 -15.16
CA ARG A 150 7.33 18.72 -16.42
C ARG A 150 7.95 17.54 -17.17
N ALA A 151 9.28 17.46 -17.13
CA ALA A 151 10.03 16.39 -17.78
C ALA A 151 9.54 15.01 -17.38
N VAL A 152 9.55 14.73 -16.07
CA VAL A 152 9.17 13.42 -15.52
C VAL A 152 7.69 13.07 -15.82
N ILE A 153 6.83 14.08 -15.88
CA ILE A 153 5.41 13.86 -16.14
C ILE A 153 5.13 13.49 -17.60
N ASP A 154 5.64 14.30 -18.55
CA ASP A 154 5.47 14.05 -20.00
C ASP A 154 6.11 12.72 -20.44
N ARG A 155 7.34 12.47 -19.97
CA ARG A 155 8.05 11.19 -20.16
C ARG A 155 7.21 10.02 -19.62
N TYR A 156 6.85 10.11 -18.33
CA TYR A 156 5.91 9.20 -17.67
C TYR A 156 4.58 9.06 -18.44
N ARG A 157 4.07 10.16 -18.99
CA ARG A 157 2.79 10.19 -19.73
C ARG A 157 2.89 9.48 -21.10
N GLN A 158 4.06 9.51 -21.70
CA GLN A 158 4.35 8.76 -22.93
C GLN A 158 4.38 7.26 -22.63
N ARG A 159 5.03 6.87 -21.52
CA ARG A 159 5.05 5.48 -21.05
C ARG A 159 3.67 4.96 -20.59
N GLY A 160 2.61 5.71 -20.93
CA GLY A 160 1.23 5.26 -20.73
C GLY A 160 0.58 5.64 -19.40
N TYR A 161 1.38 6.16 -18.47
CA TYR A 161 0.92 6.56 -17.12
C TYR A 161 -0.11 7.68 -17.19
N VAL A 162 -1.18 7.55 -16.42
CA VAL A 162 -2.33 8.45 -16.50
C VAL A 162 -2.74 8.96 -15.11
N ALA A 163 -1.95 8.58 -14.11
CA ALA A 163 -2.15 9.02 -12.72
C ALA A 163 -0.77 9.25 -12.09
N HIS A 164 -0.59 10.45 -11.51
CA HIS A 164 0.69 10.87 -10.92
C HIS A 164 0.61 11.32 -9.47
N SER A 165 1.60 10.94 -8.67
CA SER A 165 1.70 11.41 -7.30
C SER A 165 2.90 12.37 -7.16
N VAL A 166 2.61 13.67 -7.15
CA VAL A 166 3.65 14.69 -7.07
C VAL A 166 4.01 14.96 -5.61
N LYS A 167 5.28 14.77 -5.24
CA LYS A 167 5.71 15.00 -3.85
C LYS A 167 6.02 16.48 -3.55
N ILE A 168 5.44 16.96 -2.45
CA ILE A 168 5.65 18.32 -1.95
C ILE A 168 5.86 18.32 -0.43
N GLY A 169 6.11 19.51 0.13
CA GLY A 169 6.42 19.67 1.55
C GLY A 169 7.54 20.66 1.74
N GLY A 170 7.82 21.01 2.98
CA GLY A 170 8.93 21.92 3.29
C GLY A 170 8.65 23.41 3.18
N ASP A 171 8.20 23.89 2.03
CA ASP A 171 8.17 25.34 1.75
C ASP A 171 6.87 25.84 1.13
N VAL A 172 6.17 26.74 1.83
CA VAL A 172 4.87 27.14 1.32
C VAL A 172 4.99 27.84 -0.05
N GLU A 173 5.88 28.82 -0.17
CA GLU A 173 6.03 29.53 -1.43
C GLU A 173 6.37 28.59 -2.59
N ARG A 174 7.37 27.72 -2.39
CA ARG A 174 7.78 26.75 -3.41
C ARG A 174 6.70 25.69 -3.72
N ASP A 175 6.03 25.17 -2.69
CA ASP A 175 4.96 24.20 -2.86
C ASP A 175 3.77 24.73 -3.64
N ILE A 176 3.34 25.96 -3.34
CA ILE A 176 2.23 26.57 -4.07
C ILE A 176 2.60 26.64 -5.55
N ALA A 177 3.82 27.12 -5.80
CA ALA A 177 4.40 27.21 -7.14
C ALA A 177 4.41 25.86 -7.88
N ARG A 178 4.82 24.80 -7.19
CA ARG A 178 4.83 23.44 -7.76
C ARG A 178 3.44 22.92 -8.16
N ILE A 179 2.44 23.14 -7.31
CA ILE A 179 1.07 22.73 -7.61
C ILE A 179 0.53 23.53 -8.80
N ARG A 180 0.80 24.81 -8.83
CA ARG A 180 0.32 25.69 -9.89
C ARG A 180 0.97 25.38 -11.24
N ASP A 181 2.23 24.98 -11.19
CA ASP A 181 2.96 24.53 -12.36
C ASP A 181 2.39 23.22 -12.94
N VAL A 182 2.26 22.21 -12.07
CA VAL A 182 1.71 20.89 -12.44
C VAL A 182 0.26 20.97 -12.89
N GLU A 183 -0.53 21.85 -12.27
CA GLU A 183 -1.90 22.03 -12.68
C GLU A 183 -2.01 22.88 -13.94
N ASP A 184 -0.88 23.43 -14.38
CA ASP A 184 -0.85 24.19 -15.63
C ASP A 184 -0.69 23.30 -16.86
N ILE A 185 -0.13 22.10 -16.70
CA ILE A 185 0.15 21.18 -17.83
C ILE A 185 -0.60 19.86 -17.82
N ARG A 186 -1.70 19.81 -17.07
CA ARG A 186 -2.35 18.56 -16.68
C ARG A 186 -3.54 18.32 -17.59
N GLU A 187 -3.37 17.40 -18.55
CA GLU A 187 -4.42 17.17 -19.56
C GLU A 187 -5.68 16.59 -18.92
N PRO A 188 -6.88 17.06 -19.36
CA PRO A 188 -8.16 16.62 -18.80
C PRO A 188 -8.24 15.13 -18.56
N GLY A 189 -8.79 14.75 -17.40
CA GLY A 189 -8.94 13.35 -17.01
C GLY A 189 -7.66 12.78 -16.43
N GLU A 190 -6.71 13.66 -16.14
CA GLU A 190 -5.45 13.24 -15.53
C GLU A 190 -5.56 13.31 -14.02
N ILE A 191 -5.24 12.18 -13.38
CA ILE A 191 -5.30 12.07 -11.93
C ILE A 191 -3.95 12.45 -11.35
N VAL A 192 -3.92 13.55 -10.60
CA VAL A 192 -2.76 13.88 -9.77
C VAL A 192 -3.13 14.12 -8.30
N LEU A 193 -2.37 13.47 -7.43
CA LEU A 193 -2.49 13.65 -5.99
C LEU A 193 -1.21 14.34 -5.53
N TYR A 194 -1.34 15.34 -4.67
CA TYR A 194 -0.17 15.99 -4.10
C TYR A 194 0.13 15.40 -2.74
N ASP A 195 1.18 14.59 -2.68
CA ASP A 195 1.53 13.86 -1.47
C ASP A 195 2.56 14.63 -0.65
N VAL A 196 2.13 15.08 0.52
CA VAL A 196 2.94 15.88 1.43
C VAL A 196 3.87 15.05 2.30
N ASN A 197 3.49 13.80 2.57
CA ASN A 197 4.26 12.95 3.50
C ASN A 197 4.60 13.61 4.84
N ARG A 198 3.60 14.28 5.42
CA ARG A 198 3.69 14.88 6.74
C ARG A 198 4.67 16.03 6.76
N GLY A 199 5.14 16.46 5.59
CA GLY A 199 6.21 17.46 5.53
C GLY A 199 5.72 18.89 5.68
N TRP A 200 4.67 19.07 6.48
CA TRP A 200 4.09 20.39 6.69
C TRP A 200 3.65 20.54 8.14
N THR A 201 3.92 21.72 8.67
CA THR A 201 3.34 22.15 9.94
C THR A 201 1.90 22.57 9.74
N ARG A 202 1.13 22.59 10.82
CA ARG A 202 -0.24 23.08 10.74
C ARG A 202 -0.24 24.38 9.95
N GLN A 203 0.44 25.38 10.48
CA GLN A 203 0.51 26.68 9.81
C GLN A 203 0.81 26.61 8.29
N GLN A 204 1.78 25.78 7.86
CA GLN A 204 2.09 25.56 6.42
C GLN A 204 0.96 24.89 5.65
N ALA A 205 0.46 23.78 6.20
CA ALA A 205 -0.68 23.07 5.62
C ALA A 205 -1.78 24.08 5.33
N LEU A 206 -2.36 24.64 6.38
CA LEU A 206 -3.40 25.65 6.24
C LEU A 206 -3.10 26.63 5.13
N ARG A 207 -1.88 27.18 5.10
CA ARG A 207 -1.49 28.17 4.08
C ARG A 207 -1.59 27.69 2.62
N VAL A 208 -0.87 26.60 2.28
CA VAL A 208 -0.87 26.12 0.90
C VAL A 208 -2.19 25.44 0.50
N MET A 209 -2.81 24.69 1.42
CA MET A 209 -4.08 24.09 1.08
C MET A 209 -5.13 25.15 0.72
N ARG A 210 -5.18 26.25 1.47
CA ARG A 210 -6.05 27.39 1.11
C ARG A 210 -5.64 28.06 -0.21
N ALA A 211 -4.36 28.38 -0.34
CA ALA A 211 -3.82 29.08 -1.50
C ALA A 211 -4.22 28.48 -2.86
N THR A 212 -4.48 27.18 -2.89
CA THR A 212 -4.69 26.47 -4.14
C THR A 212 -6.05 25.82 -4.29
N GLU A 213 -7.05 26.34 -3.58
CA GLU A 213 -8.42 25.80 -3.66
C GLU A 213 -9.05 26.00 -5.02
N ASP A 214 -8.68 27.08 -5.71
CA ASP A 214 -9.24 27.43 -7.03
C ASP A 214 -8.71 26.57 -8.18
N LEU A 215 -7.79 25.66 -7.85
CA LEU A 215 -7.35 24.62 -8.76
C LEU A 215 -8.00 23.27 -8.47
N HIS A 216 -8.81 23.22 -7.42
CA HIS A 216 -9.56 22.02 -6.98
C HIS A 216 -8.70 20.79 -6.75
N VAL A 217 -7.62 20.93 -6.00
CA VAL A 217 -6.64 19.85 -5.90
C VAL A 217 -6.81 19.00 -4.63
N MET A 218 -6.22 17.80 -4.63
CA MET A 218 -6.31 16.91 -3.48
C MET A 218 -4.94 16.79 -2.83
N PHE A 219 -4.89 16.63 -1.50
CA PHE A 219 -3.62 16.46 -0.77
C PHE A 219 -3.59 15.18 0.07
N GLU A 220 -2.43 14.53 0.15
CA GLU A 220 -2.25 13.37 1.01
C GLU A 220 -1.38 13.70 2.19
N GLN A 221 -1.83 13.24 3.36
CA GLN A 221 -1.15 13.43 4.64
C GLN A 221 -0.55 14.81 4.92
N PRO A 222 -1.32 15.92 4.72
CA PRO A 222 -0.83 17.29 5.02
C PRO A 222 -0.58 17.62 6.49
N GLY A 223 0.24 16.83 7.17
CA GLY A 223 0.48 17.02 8.59
C GLY A 223 1.08 15.78 9.21
N GLU A 224 1.67 15.93 10.40
CA GLU A 224 2.34 14.82 11.09
C GLU A 224 1.38 13.73 11.58
N THR A 225 0.19 14.13 11.96
CA THR A 225 -0.69 13.27 12.69
C THR A 225 -2.13 13.61 12.33
N LEU A 226 -3.02 12.64 12.49
CA LEU A 226 -4.43 12.89 12.24
C LEU A 226 -4.97 14.07 13.04
N ASP A 227 -4.35 14.40 14.17
CA ASP A 227 -4.81 15.53 14.97
C ASP A 227 -4.51 16.86 14.30
N ASP A 228 -3.37 16.94 13.62
CA ASP A 228 -3.05 18.13 12.82
C ASP A 228 -3.97 18.20 11.64
N ILE A 229 -4.29 17.04 11.07
CA ILE A 229 -5.22 16.99 9.97
C ILE A 229 -6.56 17.52 10.43
N ALA A 230 -6.99 17.09 11.62
CA ALA A 230 -8.27 17.49 12.23
C ALA A 230 -8.33 18.96 12.65
N ALA A 231 -7.30 19.44 13.34
CA ALA A 231 -7.31 20.79 13.88
C ALA A 231 -7.64 21.76 12.76
N ILE A 232 -6.89 21.68 11.66
CA ILE A 232 -7.10 22.54 10.49
C ILE A 232 -8.27 22.13 9.54
N ARG A 233 -8.88 20.97 9.76
CA ARG A 233 -10.00 20.54 8.92
C ARG A 233 -11.01 21.68 8.66
N PRO A 234 -11.58 22.28 9.73
CA PRO A 234 -12.62 23.29 9.44
C PRO A 234 -12.10 24.58 8.78
N LEU A 235 -10.80 24.70 8.55
CA LEU A 235 -10.20 25.98 8.20
C LEU A 235 -10.00 26.21 6.69
N HIS A 236 -10.21 25.17 5.88
CA HIS A 236 -9.93 25.22 4.47
C HIS A 236 -10.89 24.28 3.76
N SER A 237 -10.84 24.23 2.43
CA SER A 237 -11.78 23.39 1.68
C SER A 237 -11.15 22.35 0.76
N ALA A 238 -9.87 22.00 0.92
CA ALA A 238 -9.25 21.09 -0.02
C ALA A 238 -9.47 19.66 0.44
N PRO A 239 -9.79 18.73 -0.48
CA PRO A 239 -10.01 17.36 0.01
C PRO A 239 -8.69 16.72 0.47
N VAL A 240 -8.69 16.17 1.67
CA VAL A 240 -7.47 15.63 2.23
C VAL A 240 -7.60 14.15 2.29
N SER A 241 -6.53 13.47 1.94
CA SER A 241 -6.43 12.00 1.97
C SER A 241 -5.52 11.59 3.12
N VAL A 242 -5.95 10.59 3.87
CA VAL A 242 -5.41 10.37 5.21
C VAL A 242 -4.64 9.06 5.17
N ASP A 243 -3.35 9.14 5.44
CA ASP A 243 -2.47 8.08 4.95
C ASP A 243 -1.69 7.34 6.05
N GLU A 244 -0.53 7.89 6.44
CA GLU A 244 0.35 7.32 7.45
C GLU A 244 -0.29 7.23 8.82
N CYS A 245 -1.24 8.13 9.09
CA CYS A 245 -1.91 8.12 10.38
C CYS A 245 -3.22 7.31 10.33
N LEU A 246 -3.50 6.74 9.15
CA LEU A 246 -4.63 5.82 9.00
C LEU A 246 -4.17 4.40 9.30
N VAL A 247 -4.24 4.03 10.58
CA VAL A 247 -3.64 2.79 11.04
C VAL A 247 -4.70 1.84 11.49
N THR A 248 -5.49 2.16 12.51
CA THR A 248 -6.38 1.13 13.08
C THR A 248 -7.79 1.33 12.51
N LEU A 249 -8.77 0.53 12.95
CA LEU A 249 -10.15 0.77 12.52
C LEU A 249 -10.78 1.90 13.32
N GLN A 250 -10.13 2.31 14.38
CA GLN A 250 -10.68 3.37 15.17
C GLN A 250 -10.33 4.68 14.43
N ASP A 251 -9.12 4.74 13.88
CA ASP A 251 -8.74 5.89 13.09
C ASP A 251 -9.69 5.96 11.91
N ALA A 252 -9.84 4.80 11.25
CA ALA A 252 -10.83 4.59 10.24
C ALA A 252 -12.20 5.23 10.56
N ALA A 253 -12.89 4.75 11.62
CA ALA A 253 -14.29 5.14 11.88
C ALA A 253 -14.37 6.57 12.43
N ARG A 254 -13.29 7.01 13.04
CA ARG A 254 -13.24 8.32 13.64
C ARG A 254 -13.12 9.37 12.59
N VAL A 255 -12.22 9.20 11.60
CA VAL A 255 -12.18 10.09 10.42
C VAL A 255 -13.61 10.18 9.95
N ALA A 256 -14.23 9.06 9.57
CA ALA A 256 -15.47 9.19 8.80
C ALA A 256 -16.70 9.74 9.55
N ARG A 257 -16.94 9.30 10.79
N ARG A 257 -16.90 9.31 10.81
CA ARG A 257 -18.03 9.89 11.60
CA ARG A 257 -17.99 9.83 11.65
C ARG A 257 -17.81 11.40 11.81
C ARG A 257 -17.82 11.34 11.96
N ASP A 258 -16.58 11.79 12.09
CA ASP A 258 -16.30 13.19 12.40
C ASP A 258 -15.80 14.03 11.24
N GLY A 259 -15.92 13.51 10.01
CA GLY A 259 -15.64 14.31 8.80
C GLY A 259 -14.33 15.06 8.83
N LEU A 260 -13.24 14.30 9.05
CA LEU A 260 -11.90 14.83 9.28
C LEU A 260 -11.05 14.81 8.03
N ALA A 261 -11.48 14.02 7.04
CA ALA A 261 -10.82 13.85 5.74
C ALA A 261 -11.81 13.13 4.81
N GLU A 262 -11.53 13.08 3.51
CA GLU A 262 -12.54 12.62 2.53
C GLU A 262 -12.09 11.37 1.79
N VAL A 263 -10.80 11.06 1.94
CA VAL A 263 -10.14 10.01 1.17
C VAL A 263 -9.23 9.14 2.06
N PHE A 264 -9.40 7.84 1.97
CA PHE A 264 -8.46 6.93 2.55
C PHE A 264 -7.37 6.53 1.59
N GLY A 265 -6.13 6.79 2.00
CA GLY A 265 -4.96 6.28 1.31
C GLY A 265 -4.49 5.00 2.01
N ILE A 266 -5.15 3.90 1.69
CA ILE A 266 -4.76 2.62 2.27
C ILE A 266 -3.35 2.20 1.82
N LYS A 267 -2.58 1.62 2.74
CA LYS A 267 -1.34 0.95 2.39
C LYS A 267 -1.21 -0.36 3.18
N LEU A 268 -1.26 -1.48 2.47
CA LEU A 268 -1.57 -2.77 3.08
C LEU A 268 -0.71 -3.18 4.25
N ASN A 269 0.61 -3.05 4.10
CA ASN A 269 1.53 -3.45 5.15
C ASN A 269 1.26 -2.63 6.43
N ARG A 270 1.15 -1.31 6.26
CA ARG A 270 0.82 -0.39 7.35
C ARG A 270 -0.41 -0.82 8.20
N VAL A 271 -1.55 -1.07 7.54
CA VAL A 271 -2.80 -1.28 8.25
C VAL A 271 -2.97 -2.70 8.78
N GLY A 272 -2.03 -3.59 8.44
CA GLY A 272 -2.08 -4.98 8.90
C GLY A 272 -2.57 -6.01 7.90
N GLY A 273 -2.60 -5.63 6.62
CA GLY A 273 -2.99 -6.53 5.53
C GLY A 273 -4.45 -6.58 5.13
N LEU A 274 -4.82 -7.67 4.45
CA LEU A 274 -6.08 -7.77 3.73
C LEU A 274 -7.36 -7.73 4.58
N THR A 275 -7.48 -8.63 5.56
CA THR A 275 -8.63 -8.71 6.47
C THR A 275 -8.94 -7.41 7.14
N ARG A 276 -7.91 -6.67 7.53
CA ARG A 276 -8.21 -5.43 8.22
C ARG A 276 -8.22 -4.14 7.34
N ALA A 277 -7.70 -4.23 6.12
CA ALA A 277 -8.00 -3.20 5.14
C ALA A 277 -9.45 -3.32 4.66
N ALA A 278 -9.94 -4.56 4.59
CA ALA A 278 -11.33 -4.85 4.19
C ALA A 278 -12.37 -4.03 5.00
N ARG A 279 -12.08 -3.85 6.28
CA ARG A 279 -13.01 -3.26 7.20
C ARG A 279 -12.97 -1.74 7.02
N MET A 280 -11.79 -1.21 6.66
CA MET A 280 -11.67 0.21 6.36
C MET A 280 -12.45 0.49 5.06
N ARG A 281 -12.47 -0.48 4.15
CA ARG A 281 -13.21 -0.36 2.91
C ARG A 281 -14.70 -0.31 3.21
N ASP A 282 -15.18 -1.29 3.98
CA ASP A 282 -16.56 -1.34 4.48
C ASP A 282 -16.97 0.01 5.05
N ILE A 283 -16.11 0.60 5.87
CA ILE A 283 -16.45 1.90 6.43
C ILE A 283 -16.46 3.03 5.41
N ALA A 284 -15.39 3.13 4.63
CA ALA A 284 -15.25 4.23 3.68
C ALA A 284 -16.44 4.24 2.75
N LEU A 285 -16.79 3.07 2.23
CA LEU A 285 -17.94 2.93 1.34
C LEU A 285 -19.32 3.26 1.93
N THR A 286 -19.52 3.08 3.24
CA THR A 286 -20.81 3.46 3.77
C THR A 286 -20.82 4.93 4.16
N HIS A 287 -19.66 5.48 4.47
CA HIS A 287 -19.52 6.93 4.62
C HIS A 287 -18.88 7.73 3.44
N GLY A 288 -19.07 7.28 2.20
CA GLY A 288 -18.91 8.15 1.03
C GLY A 288 -17.51 8.70 0.85
N ILE A 289 -16.52 7.86 1.15
CA ILE A 289 -15.10 8.19 1.25
C ILE A 289 -14.44 7.36 0.16
N ASP A 290 -13.48 7.96 -0.54
CA ASP A 290 -12.82 7.36 -1.71
C ASP A 290 -11.43 6.83 -1.35
N MET A 291 -11.00 5.77 -2.02
CA MET A 291 -9.70 5.19 -1.73
C MET A 291 -8.64 5.28 -2.85
N PHE A 292 -7.37 5.38 -2.41
CA PHE A 292 -6.17 4.98 -3.15
C PHE A 292 -5.65 3.75 -2.41
N VAL A 293 -5.36 2.67 -3.16
CA VAL A 293 -4.86 1.43 -2.55
C VAL A 293 -3.50 1.08 -3.14
N MET A 294 -2.47 1.04 -2.31
CA MET A 294 -1.11 0.66 -2.72
C MET A 294 -0.40 -0.15 -1.64
N ALA A 295 0.44 -1.09 -2.05
CA ALA A 295 1.32 -1.71 -1.08
C ALA A 295 2.28 -0.62 -0.61
N THR A 296 2.80 -0.82 0.59
CA THR A 296 3.70 0.14 1.20
C THR A 296 5.00 0.22 0.39
N GLY A 297 5.36 -0.91 -0.20
CA GLY A 297 6.61 -1.09 -0.93
C GLY A 297 6.74 -2.57 -1.21
N GLY A 298 7.73 -2.91 -2.02
CA GLY A 298 8.01 -4.30 -2.35
C GLY A 298 7.98 -4.68 -3.83
N SER A 299 8.05 -5.98 -4.06
CA SER A 299 8.02 -6.58 -5.37
C SER A 299 6.58 -6.73 -5.90
N VAL A 300 6.37 -7.64 -6.83
CA VAL A 300 5.06 -7.80 -7.46
C VAL A 300 4.09 -8.50 -6.48
N LEU A 301 4.63 -9.28 -5.56
CA LEU A 301 3.79 -9.91 -4.53
C LEU A 301 3.09 -8.83 -3.68
N ALA A 302 3.72 -7.65 -3.62
CA ALA A 302 3.12 -6.51 -2.92
C ALA A 302 2.04 -5.85 -3.79
N ASP A 303 2.32 -5.72 -5.09
CA ASP A 303 1.36 -5.09 -5.99
C ASP A 303 0.12 -5.94 -6.14
N ALA A 304 0.35 -7.25 -6.12
CA ALA A 304 -0.72 -8.25 -6.24
C ALA A 304 -1.72 -8.13 -5.11
N GLU A 305 -1.21 -7.97 -3.89
CA GLU A 305 -2.02 -7.89 -2.69
C GLU A 305 -2.88 -6.62 -2.71
N ALA A 306 -2.25 -5.49 -3.02
CA ALA A 306 -2.95 -4.21 -3.16
C ALA A 306 -3.97 -4.25 -4.30
N LEU A 307 -3.70 -5.05 -5.33
CA LEU A 307 -4.67 -5.15 -6.42
C LEU A 307 -5.90 -5.94 -6.00
N HIS A 308 -5.71 -7.06 -5.31
CA HIS A 308 -6.86 -7.80 -4.80
C HIS A 308 -7.75 -6.95 -3.93
N LEU A 309 -7.16 -6.12 -3.08
CA LEU A 309 -7.96 -5.11 -2.40
C LEU A 309 -8.55 -4.02 -3.34
N ALA A 310 -7.74 -3.35 -4.18
CA ALA A 310 -8.32 -2.30 -5.09
C ALA A 310 -9.47 -2.84 -5.92
N ALA A 311 -9.41 -4.13 -6.25
CA ALA A 311 -10.45 -4.79 -6.98
C ALA A 311 -11.76 -4.82 -6.21
N THR A 312 -11.72 -5.09 -4.88
CA THR A 312 -12.98 -5.22 -4.10
C THR A 312 -13.71 -3.89 -3.88
N ILE A 313 -13.15 -2.83 -4.43
CA ILE A 313 -13.73 -1.47 -4.39
C ILE A 313 -14.33 -1.23 -5.76
N PRO A 314 -15.59 -0.75 -5.83
CA PRO A 314 -16.19 -0.30 -7.11
C PRO A 314 -15.32 0.77 -7.77
N ASP A 315 -15.17 0.72 -9.10
CA ASP A 315 -14.17 1.59 -9.76
C ASP A 315 -14.30 3.12 -9.63
N HIS A 316 -15.50 3.63 -9.45
CA HIS A 316 -15.63 5.07 -9.19
C HIS A 316 -14.95 5.44 -7.87
N ALA A 317 -14.89 4.49 -6.94
CA ALA A 317 -14.39 4.73 -5.57
C ALA A 317 -12.92 4.35 -5.31
N CYS A 318 -12.17 4.10 -6.38
CA CYS A 318 -10.77 3.68 -6.32
C CYS A 318 -9.91 4.39 -7.36
N HIS A 319 -9.22 5.43 -6.94
CA HIS A 319 -8.61 6.37 -7.88
C HIS A 319 -7.39 5.86 -8.62
N ALA A 320 -6.57 5.07 -7.92
CA ALA A 320 -5.31 4.58 -8.48
C ALA A 320 -4.63 3.59 -7.54
N VAL A 321 -3.85 2.69 -8.14
CA VAL A 321 -3.05 1.74 -7.43
C VAL A 321 -1.61 2.13 -7.66
N TRP A 322 -0.69 1.25 -7.28
CA TRP A 322 0.72 1.48 -7.49
C TRP A 322 1.41 0.16 -7.84
N ALA A 323 2.39 0.26 -8.73
CA ALA A 323 3.28 -0.84 -9.08
C ALA A 323 4.71 -0.48 -8.66
N CYS A 324 5.13 -1.05 -7.54
CA CYS A 324 6.46 -0.77 -6.98
C CYS A 324 7.52 -1.57 -7.74
N GLN A 325 7.08 -2.60 -8.45
CA GLN A 325 7.99 -3.38 -9.27
C GLN A 325 8.65 -2.56 -10.36
N ASP A 326 7.92 -1.66 -10.99
CA ASP A 326 8.53 -0.77 -11.97
C ASP A 326 9.57 0.19 -11.37
N MET A 327 9.62 0.24 -10.04
CA MET A 327 10.54 1.13 -9.31
C MET A 327 11.83 0.38 -8.96
N LEU A 328 11.83 -0.93 -9.18
CA LEU A 328 12.91 -1.81 -8.75
C LEU A 328 13.73 -2.32 -9.91
N THR A 329 15.00 -2.61 -9.62
CA THR A 329 15.95 -2.99 -10.64
C THR A 329 16.09 -4.51 -10.74
N VAL A 330 15.57 -5.22 -9.74
CA VAL A 330 15.57 -6.68 -9.70
C VAL A 330 14.15 -7.14 -9.99
N ASP A 331 14.00 -8.39 -10.47
CA ASP A 331 12.68 -9.03 -10.62
C ASP A 331 12.67 -10.46 -10.03
N ILE A 332 11.88 -10.69 -8.98
CA ILE A 332 11.89 -11.99 -8.27
C ILE A 332 10.81 -13.00 -8.70
N ALA A 333 10.13 -12.74 -9.81
CA ALA A 333 9.15 -13.68 -10.36
C ALA A 333 9.30 -13.95 -11.89
N GLY A 334 10.44 -13.57 -12.45
CA GLY A 334 10.70 -13.66 -13.89
C GLY A 334 9.52 -13.35 -14.79
N GLY A 335 8.86 -12.22 -14.56
CA GLY A 335 7.72 -11.82 -15.39
C GLY A 335 6.32 -12.14 -14.85
N ARG A 336 6.23 -13.10 -13.94
CA ARG A 336 4.92 -13.52 -13.45
C ARG A 336 4.26 -12.47 -12.53
N GLY A 337 2.92 -12.48 -12.49
CA GLY A 337 2.17 -11.58 -11.62
C GLY A 337 1.64 -10.34 -12.34
N PRO A 338 0.70 -9.60 -11.71
CA PRO A 338 0.17 -8.38 -12.33
C PRO A 338 1.27 -7.34 -12.58
N ARG A 339 1.58 -7.11 -13.86
CA ARG A 339 2.56 -6.10 -14.25
C ARG A 339 1.89 -4.92 -14.97
N ASN A 340 2.65 -3.83 -15.05
CA ASN A 340 2.26 -2.62 -15.75
C ASN A 340 2.02 -2.92 -17.21
N ILE A 341 0.79 -3.29 -17.53
CA ILE A 341 0.38 -3.39 -18.92
C ILE A 341 -0.29 -2.06 -19.27
N ASP A 342 0.48 -1.19 -19.90
CA ASP A 342 0.01 0.14 -20.34
C ASP A 342 -0.64 0.91 -19.21
N GLY A 343 0.17 1.36 -18.26
CA GLY A 343 -0.26 2.24 -17.17
C GLY A 343 -1.30 1.71 -16.20
N HIS A 344 -1.63 0.42 -16.31
CA HIS A 344 -2.74 -0.17 -15.58
C HIS A 344 -2.41 -1.58 -15.10
N LEU A 345 -2.94 -1.95 -13.94
CA LEU A 345 -2.84 -3.32 -13.43
C LEU A 345 -4.14 -4.07 -13.70
N HIS A 346 -4.02 -5.31 -14.18
CA HIS A 346 -5.19 -6.15 -14.51
C HIS A 346 -5.24 -7.26 -13.48
N LEU A 347 -6.37 -7.38 -12.81
CA LEU A 347 -6.53 -8.41 -11.78
C LEU A 347 -6.28 -9.82 -12.36
N PRO A 348 -5.35 -10.58 -11.74
CA PRO A 348 -5.06 -11.96 -12.15
C PRO A 348 -6.27 -12.89 -11.90
N GLU A 349 -6.44 -13.85 -12.82
CA GLU A 349 -7.58 -14.76 -12.84
C GLU A 349 -7.34 -16.08 -12.08
N THR A 350 -6.10 -16.23 -11.64
CA THR A 350 -5.57 -17.42 -11.00
C THR A 350 -5.99 -17.54 -9.51
N PRO A 351 -6.32 -18.76 -9.04
CA PRO A 351 -6.69 -19.00 -7.62
C PRO A 351 -5.65 -18.45 -6.63
N GLY A 352 -6.10 -17.91 -5.50
CA GLY A 352 -5.21 -17.29 -4.52
C GLY A 352 -4.63 -15.92 -4.89
N LEU A 353 -3.36 -15.69 -4.53
CA LEU A 353 -2.68 -14.44 -4.85
C LEU A 353 -2.43 -14.37 -6.36
N GLY A 354 -2.14 -15.53 -6.95
CA GLY A 354 -2.01 -15.66 -8.40
C GLY A 354 -0.63 -15.23 -8.85
N VAL A 355 0.36 -15.50 -7.99
CA VAL A 355 1.78 -15.23 -8.27
C VAL A 355 2.61 -15.64 -7.08
N HIS A 356 3.50 -16.59 -7.30
CA HIS A 356 4.42 -17.05 -6.29
C HIS A 356 5.81 -16.67 -6.80
N PRO A 357 6.81 -16.52 -5.91
CA PRO A 357 8.10 -16.15 -6.49
C PRO A 357 8.84 -17.44 -6.83
N ASP A 358 9.98 -17.37 -7.50
CA ASP A 358 10.83 -18.56 -7.50
CA ASP A 358 10.87 -18.52 -7.54
C ASP A 358 11.93 -18.33 -6.48
N GLU A 359 12.06 -19.30 -5.59
CA GLU A 359 12.92 -19.22 -4.42
C GLU A 359 14.41 -19.13 -4.78
N ASP A 360 14.68 -19.13 -6.08
CA ASP A 360 15.97 -18.80 -6.71
C ASP A 360 16.45 -17.40 -6.36
N ALA A 361 15.55 -16.43 -6.35
CA ALA A 361 15.96 -15.05 -6.13
C ALA A 361 15.90 -14.59 -4.66
N LEU A 362 15.39 -15.45 -3.77
CA LEU A 362 15.18 -15.10 -2.35
C LEU A 362 16.34 -15.36 -1.39
N GLY A 363 17.33 -16.14 -1.84
CA GLY A 363 18.46 -16.51 -1.00
C GLY A 363 18.05 -17.56 0.01
N ASP A 364 18.98 -17.98 0.85
CA ASP A 364 18.66 -18.97 1.87
C ASP A 364 17.66 -18.42 2.92
N PRO A 365 16.74 -19.28 3.43
CA PRO A 365 15.91 -18.92 4.59
C PRO A 365 16.68 -18.25 5.71
N VAL A 366 16.19 -17.09 6.15
CA VAL A 366 16.78 -16.40 7.31
C VAL A 366 16.26 -16.91 8.66
N ALA A 367 15.13 -17.63 8.63
CA ALA A 367 14.69 -18.41 9.77
C ALA A 367 13.50 -19.29 9.39
N VAL A 368 13.32 -20.37 10.16
CA VAL A 368 12.25 -21.35 9.95
C VAL A 368 11.59 -21.76 11.27
N TYR A 369 10.26 -21.88 11.23
CA TYR A 369 9.46 -22.24 12.41
C TYR A 369 8.51 -23.39 12.12
N SER A 370 8.79 -24.57 12.68
CA SER A 370 7.85 -25.70 12.60
C SER A 370 7.39 -26.24 14.00
N GLU A 371 6.83 -27.45 14.02
CA GLU A 371 5.89 -27.86 15.09
C GLU A 371 6.41 -28.79 16.18
#